data_6M1T
#
_entry.id   6M1T
#
_cell.length_a   45.634
_cell.length_b   95.447
_cell.length_c   99.567
_cell.angle_alpha   90.000
_cell.angle_beta   90.000
_cell.angle_gamma   90.000
#
_symmetry.space_group_name_H-M   'P 21 21 21'
#
loop_
_entity.id
_entity.type
_entity.pdbx_description
1 polymer 'Glutathione S-transferase'
2 non-polymer GLUTATHIONE
3 non-polymer CYSTEINE
4 non-polymer 'SULFATE ION'
5 non-polymer 'PENTAETHYLENE GLYCOL'
6 water water
#
_entity_poly.entity_id   1
_entity_poly.type   'polypeptide(L)'
_entity_poly.pdbx_seq_one_letter_code
;MKLFISPGACSLAPHIALRETGAAFDAVKVDLATRKVETGDDFLTVNPSGKVPALTLDSGETLTENPAILLYIADQKPDA
ALAPRDGTLERYRLISRLSFLGSEFHKAFVPLFTPGSSDEAKLAASTAVKNHLGALDKELLDKEHYAGSEFSVADIYLFV
MLGWPAHVGIDMSAYPNLGAYCGRIAQRPSVGAALKAEGLV
;
_entity_poly.pdbx_strand_id   A,B
#
loop_
_chem_comp.id
_chem_comp.type
_chem_comp.name
_chem_comp.formula
1PE non-polymer 'PENTAETHYLENE GLYCOL' 'C10 H22 O6'
GSH non-polymer GLUTATHIONE 'C10 H17 N3 O6 S'
SO4 non-polymer 'SULFATE ION' 'O4 S -2'
#
# COMPACT_ATOMS: atom_id res chain seq x y z
N MET A 1 -8.30 -23.59 -1.19
CA MET A 1 -8.03 -22.15 -1.06
C MET A 1 -9.33 -21.48 -0.60
N LYS A 2 -9.26 -20.68 0.46
CA LYS A 2 -10.45 -19.99 1.00
C LYS A 2 -10.14 -18.49 0.95
N LEU A 3 -11.02 -17.73 0.33
CA LEU A 3 -11.02 -16.27 0.43
C LEU A 3 -12.09 -15.81 1.45
N PHE A 4 -11.67 -14.98 2.41
CA PHE A 4 -12.53 -14.41 3.45
C PHE A 4 -12.98 -13.05 2.98
N ILE A 5 -14.30 -12.89 2.89
CA ILE A 5 -14.95 -11.70 2.31
C ILE A 5 -15.96 -11.08 3.27
N SER A 6 -16.31 -9.84 2.92
CA SER A 6 -17.56 -9.17 3.34
C SER A 6 -18.17 -8.54 2.08
N PRO A 7 -19.45 -8.82 1.73
CA PRO A 7 -19.96 -8.39 0.43
C PRO A 7 -19.77 -6.91 0.17
N GLY A 8 -19.22 -6.59 -0.98
CA GLY A 8 -19.08 -5.19 -1.44
C GLY A 8 -17.82 -4.53 -0.88
N ALA A 9 -17.11 -5.20 0.05
CA ALA A 9 -15.89 -4.64 0.68
C ALA A 9 -14.72 -4.78 -0.29
N CYS A 10 -13.51 -4.36 0.09
CA CYS A 10 -12.36 -4.41 -0.84
C CYS A 10 -12.00 -5.87 -1.15
N SER A 11 -12.51 -6.85 -0.37
CA SER A 11 -12.40 -8.30 -0.66
C SER A 11 -13.05 -8.72 -1.99
N LEU A 12 -14.00 -7.92 -2.51
CA LEU A 12 -14.56 -8.19 -3.87
C LEU A 12 -13.43 -8.28 -4.89
N ALA A 13 -12.31 -7.56 -4.71
CA ALA A 13 -11.25 -7.50 -5.74
C ALA A 13 -10.62 -8.88 -5.94
N PRO A 14 -10.09 -9.54 -4.88
CA PRO A 14 -9.58 -10.89 -5.04
C PRO A 14 -10.69 -11.89 -5.41
N HIS A 15 -11.93 -11.66 -4.98
CA HIS A 15 -13.09 -12.50 -5.43
C HIS A 15 -13.15 -12.49 -6.97
N ILE A 16 -13.19 -11.32 -7.57
CA ILE A 16 -13.21 -11.18 -9.06
C ILE A 16 -11.96 -11.87 -9.67
N ALA A 17 -10.78 -11.62 -9.11
CA ALA A 17 -9.49 -12.14 -9.63
C ALA A 17 -9.48 -13.67 -9.67
N LEU A 18 -9.93 -14.34 -8.62
CA LEU A 18 -10.01 -15.82 -8.59
C LEU A 18 -10.96 -16.31 -9.70
N ARG A 19 -12.08 -15.60 -9.91
CA ARG A 19 -13.02 -15.92 -11.02
C ARG A 19 -12.31 -15.71 -12.38
N GLU A 20 -11.43 -14.70 -12.50
CA GLU A 20 -10.65 -14.40 -13.72
C GLU A 20 -9.60 -15.48 -13.99
N THR A 21 -9.09 -16.15 -12.96
CA THR A 21 -8.04 -17.19 -13.14
C THR A 21 -8.62 -18.61 -13.19
N GLY A 22 -9.84 -18.84 -12.72
CA GLY A 22 -10.46 -20.19 -12.68
C GLY A 22 -9.92 -21.02 -11.54
N ALA A 23 -9.32 -20.43 -10.53
CA ALA A 23 -8.77 -21.17 -9.36
C ALA A 23 -9.93 -21.83 -8.60
N ALA A 24 -9.68 -23.00 -8.03
CA ALA A 24 -10.60 -23.65 -7.07
C ALA A 24 -10.57 -22.79 -5.81
N PHE A 25 -11.72 -22.38 -5.31
CA PHE A 25 -11.75 -21.59 -4.05
C PHE A 25 -13.15 -21.64 -3.41
N ASP A 26 -13.14 -21.40 -2.12
CA ASP A 26 -14.34 -21.16 -1.31
C ASP A 26 -14.34 -19.67 -1.02
N ALA A 27 -15.49 -19.02 -1.12
CA ALA A 27 -15.68 -17.64 -0.64
C ALA A 27 -16.42 -17.75 0.69
N VAL A 28 -15.79 -17.32 1.78
CA VAL A 28 -16.35 -17.48 3.16
C VAL A 28 -16.65 -16.09 3.72
N LYS A 29 -17.90 -15.83 4.13
CA LYS A 29 -18.34 -14.52 4.66
C LYS A 29 -17.86 -14.34 6.11
N VAL A 30 -17.42 -13.13 6.43
CA VAL A 30 -17.08 -12.70 7.81
C VAL A 30 -18.06 -11.59 8.21
N ASP A 31 -18.50 -11.65 9.46
CA ASP A 31 -19.26 -10.56 10.12
C ASP A 31 -18.20 -9.62 10.69
N LEU A 32 -18.03 -8.46 10.09
CA LEU A 32 -16.88 -7.56 10.44
C LEU A 32 -17.09 -6.96 11.84
N ALA A 33 -18.33 -6.95 12.33
CA ALA A 33 -18.75 -6.31 13.60
C ALA A 33 -18.35 -7.23 14.74
N THR A 34 -18.52 -8.55 14.60
CA THR A 34 -18.20 -9.59 15.61
C THR A 34 -16.89 -10.29 15.30
N ARG A 35 -16.27 -10.06 14.12
CA ARG A 35 -15.08 -10.80 13.67
C ARG A 35 -15.34 -12.31 13.74
N LYS A 36 -16.53 -12.77 13.33
CA LYS A 36 -16.77 -14.23 13.31
C LYS A 36 -17.04 -14.63 11.86
N VAL A 37 -16.54 -15.79 11.48
CA VAL A 37 -16.76 -16.37 10.14
C VAL A 37 -18.19 -16.91 10.14
N GLU A 38 -18.83 -17.04 8.99
CA GLU A 38 -20.23 -17.53 8.87
C GLU A 38 -20.34 -18.95 9.44
N THR A 39 -19.22 -19.67 9.50
CA THR A 39 -19.09 -21.02 10.09
C THR A 39 -19.05 -20.94 11.62
N GLY A 40 -18.78 -19.77 12.19
CA GLY A 40 -18.69 -19.54 13.65
C GLY A 40 -17.27 -19.50 14.16
N ASP A 41 -16.28 -19.86 13.34
CA ASP A 41 -14.84 -19.74 13.68
C ASP A 41 -14.56 -18.28 14.07
N ASP A 42 -13.65 -18.04 15.02
CA ASP A 42 -13.15 -16.68 15.35
C ASP A 42 -12.24 -16.24 14.20
N PHE A 43 -12.62 -15.21 13.46
CA PHE A 43 -11.85 -14.76 12.28
C PHE A 43 -10.46 -14.25 12.69
N LEU A 44 -10.29 -13.79 13.95
CA LEU A 44 -8.97 -13.25 14.43
C LEU A 44 -7.92 -14.36 14.44
N THR A 45 -8.33 -15.63 14.44
CA THR A 45 -7.45 -16.80 14.25
C THR A 45 -6.84 -16.82 12.86
N VAL A 46 -7.53 -16.26 11.85
CA VAL A 46 -7.13 -16.28 10.42
C VAL A 46 -6.37 -14.99 10.12
N ASN A 47 -6.97 -13.85 10.50
CA ASN A 47 -6.36 -12.51 10.34
C ASN A 47 -6.47 -11.77 11.66
N PRO A 48 -5.37 -11.69 12.45
CA PRO A 48 -5.38 -11.03 13.76
C PRO A 48 -5.89 -9.60 13.76
N SER A 49 -5.79 -8.88 12.63
CA SER A 49 -6.29 -7.50 12.53
C SER A 49 -7.80 -7.51 12.34
N GLY A 50 -8.39 -8.64 11.98
CA GLY A 50 -9.84 -8.73 11.81
C GLY A 50 -10.31 -8.19 10.45
N LYS A 51 -9.42 -7.93 9.51
CA LYS A 51 -9.84 -7.27 8.25
C LYS A 51 -9.94 -8.28 7.09
N VAL A 52 -10.80 -7.95 6.13
CA VAL A 52 -10.90 -8.71 4.85
C VAL A 52 -10.24 -7.84 3.79
N PRO A 53 -9.65 -8.43 2.72
CA PRO A 53 -9.61 -9.88 2.53
C PRO A 53 -8.52 -10.60 3.32
N ALA A 54 -8.68 -11.91 3.46
CA ALA A 54 -7.60 -12.84 3.83
C ALA A 54 -7.73 -14.05 2.92
N LEU A 55 -6.60 -14.58 2.47
CA LEU A 55 -6.56 -15.73 1.57
C LEU A 55 -5.79 -16.87 2.21
N THR A 56 -6.48 -17.96 2.53
CA THR A 56 -5.85 -19.18 3.10
C THR A 56 -5.51 -20.11 1.95
N LEU A 57 -4.22 -20.40 1.81
CA LEU A 57 -3.69 -21.27 0.74
C LEU A 57 -3.99 -22.72 1.11
N ASP A 58 -3.86 -23.63 0.15
CA ASP A 58 -4.04 -25.09 0.39
C ASP A 58 -3.11 -25.60 1.50
N SER A 59 -1.94 -25.00 1.70
CA SER A 59 -0.99 -25.35 2.79
C SER A 59 -1.60 -25.02 4.15
N GLY A 60 -2.58 -24.12 4.20
CA GLY A 60 -3.15 -23.60 5.43
C GLY A 60 -2.50 -22.29 5.84
N GLU A 61 -1.54 -21.79 5.06
CA GLU A 61 -0.96 -20.46 5.35
C GLU A 61 -1.95 -19.38 4.90
N THR A 62 -2.10 -18.29 5.66
CA THR A 62 -3.00 -17.16 5.31
C THR A 62 -2.15 -15.97 4.85
N LEU A 63 -2.52 -15.37 3.72
CA LEU A 63 -1.94 -14.13 3.18
C LEU A 63 -2.93 -12.98 3.40
N THR A 64 -2.44 -11.81 3.80
CA THR A 64 -3.28 -10.60 3.98
C THR A 64 -2.75 -9.47 3.09
N GLU A 65 -3.55 -8.42 2.95
CA GLU A 65 -3.26 -7.21 2.14
C GLU A 65 -3.57 -7.51 0.68
N ASN A 66 -4.50 -6.72 0.14
CA ASN A 66 -4.96 -6.81 -1.27
C ASN A 66 -3.78 -6.87 -2.23
N PRO A 67 -2.80 -5.95 -2.14
CA PRO A 67 -1.69 -5.96 -3.10
C PRO A 67 -0.95 -7.30 -3.19
N ALA A 68 -0.68 -7.95 -2.04
CA ALA A 68 -0.02 -9.27 -2.00
C ALA A 68 -0.97 -10.37 -2.51
N ILE A 69 -2.23 -10.35 -2.08
CA ILE A 69 -3.24 -11.38 -2.44
C ILE A 69 -3.45 -11.35 -3.93
N LEU A 70 -3.66 -10.16 -4.47
CA LEU A 70 -3.99 -9.96 -5.89
C LEU A 70 -2.82 -10.43 -6.76
N LEU A 71 -1.60 -10.06 -6.40
CA LEU A 71 -0.40 -10.55 -7.15
C LEU A 71 -0.30 -12.07 -7.08
N TYR A 72 -0.46 -12.67 -5.89
CA TYR A 72 -0.45 -14.13 -5.68
C TYR A 72 -1.42 -14.76 -6.69
N ILE A 73 -2.67 -14.30 -6.66
CA ILE A 73 -3.76 -14.89 -7.49
C ILE A 73 -3.36 -14.78 -8.97
N ALA A 74 -2.93 -13.61 -9.44
CA ALA A 74 -2.51 -13.37 -10.86
C ALA A 74 -1.42 -14.35 -11.25
N ASP A 75 -0.44 -14.53 -10.38
CA ASP A 75 0.80 -15.30 -10.67
C ASP A 75 0.49 -16.80 -10.79
N GLN A 76 -0.61 -17.31 -10.23
CA GLN A 76 -0.92 -18.76 -10.31
C GLN A 76 -1.43 -19.12 -11.71
N LYS A 77 -1.87 -18.16 -12.53
CA LYS A 77 -2.33 -18.45 -13.91
C LYS A 77 -1.70 -17.42 -14.82
N PRO A 78 -0.42 -17.59 -15.15
CA PRO A 78 0.28 -16.63 -16.02
C PRO A 78 -0.45 -16.39 -17.35
N ASP A 79 -1.11 -17.40 -17.91
CA ASP A 79 -1.85 -17.22 -19.18
C ASP A 79 -2.92 -16.12 -19.09
N ALA A 80 -3.47 -15.88 -17.90
CA ALA A 80 -4.52 -14.87 -17.67
C ALA A 80 -3.94 -13.46 -17.87
N ALA A 81 -2.60 -13.31 -17.70
CA ALA A 81 -1.85 -12.04 -17.83
C ALA A 81 -2.52 -10.93 -17.00
N LEU A 82 -2.84 -11.25 -15.74
CA LEU A 82 -3.54 -10.29 -14.85
C LEU A 82 -2.45 -9.51 -14.09
N ALA A 83 -1.19 -9.94 -14.22
CA ALA A 83 0.00 -9.19 -13.74
C ALA A 83 1.12 -9.41 -14.75
N PRO A 84 1.95 -8.40 -15.02
CA PRO A 84 3.14 -8.58 -15.86
C PRO A 84 4.15 -9.57 -15.29
N ARG A 85 5.04 -10.05 -16.16
CA ARG A 85 6.06 -11.03 -15.77
C ARG A 85 7.07 -10.39 -14.82
N ASP A 86 7.62 -11.19 -13.91
CA ASP A 86 8.85 -10.95 -13.09
C ASP A 86 9.84 -10.14 -13.94
N GLY A 87 10.45 -9.07 -13.41
CA GLY A 87 11.59 -8.38 -14.05
C GLY A 87 11.22 -7.51 -15.26
N THR A 88 9.98 -7.06 -15.37
CA THR A 88 9.57 -6.04 -16.37
C THR A 88 9.32 -4.75 -15.61
N LEU A 89 9.52 -3.61 -16.25
CA LEU A 89 9.15 -2.32 -15.63
C LEU A 89 7.66 -2.36 -15.31
N GLU A 90 6.87 -2.99 -16.18
CA GLU A 90 5.38 -2.97 -16.04
C GLU A 90 5.00 -3.64 -14.71
N ARG A 91 5.78 -4.60 -14.24
CA ARG A 91 5.50 -5.31 -12.97
C ARG A 91 5.65 -4.33 -11.80
N TYR A 92 6.63 -3.43 -11.86
CA TYR A 92 6.82 -2.43 -10.76
C TYR A 92 5.73 -1.38 -10.89
N ARG A 93 5.32 -1.01 -12.11
CA ARG A 93 4.25 0.00 -12.31
C ARG A 93 2.94 -0.57 -11.77
N LEU A 94 2.72 -1.88 -11.90
CA LEU A 94 1.53 -2.58 -11.33
C LEU A 94 1.58 -2.48 -9.79
N ILE A 95 2.68 -2.87 -9.18
CA ILE A 95 2.81 -2.82 -7.70
C ILE A 95 2.57 -1.37 -7.22
N SER A 96 3.08 -0.40 -7.97
CA SER A 96 2.90 1.05 -7.73
C SER A 96 1.41 1.36 -7.71
N ARG A 97 0.70 0.93 -8.74
CA ARG A 97 -0.76 1.22 -8.81
C ARG A 97 -1.44 0.51 -7.62
N LEU A 98 -1.08 -0.73 -7.28
CA LEU A 98 -1.78 -1.43 -6.16
C LEU A 98 -1.49 -0.69 -4.85
N SER A 99 -0.26 -0.20 -4.65
CA SER A 99 0.14 0.54 -3.40
C SER A 99 -0.64 1.86 -3.35
N PHE A 100 -0.80 2.55 -4.48
CA PHE A 100 -1.58 3.81 -4.51
C PHE A 100 -3.05 3.54 -4.14
N LEU A 101 -3.64 2.48 -4.70
CA LEU A 101 -5.07 2.18 -4.43
C LEU A 101 -5.27 1.83 -2.93
N GLY A 102 -4.41 1.01 -2.36
CA GLY A 102 -4.50 0.55 -0.95
C GLY A 102 -4.15 1.63 0.06
N SER A 103 -3.14 2.44 -0.24
CA SER A 103 -2.51 3.40 0.71
C SER A 103 -3.14 4.79 0.54
N GLU A 104 -3.61 5.18 -0.64
CA GLU A 104 -4.13 6.58 -0.82
C GLU A 104 -5.64 6.57 -1.07
N PHE A 105 -6.12 5.88 -2.11
CA PHE A 105 -7.54 5.94 -2.55
C PHE A 105 -8.46 5.30 -1.50
N HIS A 106 -8.16 4.07 -1.09
CA HIS A 106 -8.94 3.32 -0.07
C HIS A 106 -9.07 4.21 1.15
N LYS A 107 -7.96 4.72 1.65
CA LYS A 107 -7.88 5.35 2.99
C LYS A 107 -8.62 6.71 2.92
N ALA A 108 -8.67 7.38 1.76
CA ALA A 108 -9.51 8.60 1.55
C ALA A 108 -10.97 8.37 2.01
N PHE A 109 -11.52 7.17 1.81
CA PHE A 109 -12.95 6.85 2.03
C PHE A 109 -13.28 6.62 3.52
N VAL A 110 -12.27 6.37 4.36
CA VAL A 110 -12.53 5.76 5.70
C VAL A 110 -13.44 6.65 6.56
N PRO A 111 -13.23 7.98 6.70
CA PRO A 111 -14.16 8.84 7.43
C PRO A 111 -15.59 8.83 6.87
N LEU A 112 -15.73 8.73 5.54
CA LEU A 112 -17.07 8.69 4.89
C LEU A 112 -17.81 7.41 5.28
N PHE A 113 -17.13 6.31 5.61
CA PHE A 113 -17.75 5.01 6.00
C PHE A 113 -17.71 4.80 7.53
N THR A 114 -17.33 5.82 8.29
CA THR A 114 -17.34 5.84 9.76
C THR A 114 -18.50 6.72 10.20
N PRO A 115 -19.68 6.17 10.61
CA PRO A 115 -20.77 7.00 11.16
C PRO A 115 -20.34 7.92 12.32
N GLY A 116 -19.39 7.51 13.17
CA GLY A 116 -18.80 8.36 14.23
C GLY A 116 -18.22 9.68 13.73
N SER A 117 -17.50 9.67 12.60
CA SER A 117 -16.68 10.82 12.08
C SER A 117 -17.45 12.15 12.15
N SER A 118 -16.73 13.25 12.38
CA SER A 118 -17.30 14.61 12.50
C SER A 118 -18.06 14.98 11.21
N ASP A 119 -18.82 16.09 11.24
CA ASP A 119 -19.51 16.68 10.05
C ASP A 119 -18.44 17.17 9.06
N GLU A 120 -17.25 17.54 9.56
CA GLU A 120 -16.18 18.24 8.79
C GLU A 120 -15.10 17.25 8.31
N ALA A 121 -14.88 16.15 9.04
CA ALA A 121 -14.12 14.96 8.57
C ALA A 121 -14.84 14.40 7.32
N LYS A 122 -16.14 14.11 7.44
CA LYS A 122 -17.01 13.62 6.35
C LYS A 122 -16.87 14.54 5.11
N LEU A 123 -16.90 15.86 5.29
CA LEU A 123 -16.81 16.81 4.14
C LEU A 123 -15.40 16.83 3.55
N ALA A 124 -14.36 16.84 4.39
CA ALA A 124 -12.94 16.85 3.92
C ALA A 124 -12.63 15.55 3.15
N ALA A 125 -13.08 14.39 3.65
CA ALA A 125 -12.89 13.08 3.01
C ALA A 125 -13.64 13.06 1.66
N SER A 126 -14.86 13.60 1.64
CA SER A 126 -15.62 13.93 0.39
C SER A 126 -14.67 14.58 -0.63
N THR A 127 -13.95 15.63 -0.20
CA THR A 127 -13.05 16.46 -1.05
C THR A 127 -11.88 15.63 -1.58
N ALA A 128 -11.22 14.89 -0.69
CA ALA A 128 -10.06 14.05 -1.02
C ALA A 128 -10.46 13.00 -2.05
N VAL A 129 -11.61 12.36 -1.86
CA VAL A 129 -12.11 11.30 -2.80
C VAL A 129 -12.40 11.94 -4.16
N LYS A 130 -13.09 13.08 -4.20
CA LYS A 130 -13.46 13.77 -5.48
C LYS A 130 -12.19 14.20 -6.21
N ASN A 131 -11.14 14.61 -5.48
CA ASN A 131 -9.81 14.92 -6.05
C ASN A 131 -9.17 13.69 -6.73
N HIS A 132 -9.15 12.57 -6.02
CA HIS A 132 -8.64 11.29 -6.54
C HIS A 132 -9.42 10.91 -7.82
N LEU A 133 -10.72 11.07 -7.79
CA LEU A 133 -11.63 10.65 -8.88
C LEU A 133 -11.29 11.53 -10.13
N GLY A 134 -11.14 12.84 -9.96
CA GLY A 134 -10.72 13.80 -11.04
C GLY A 134 -9.43 13.35 -11.72
N ALA A 135 -8.39 12.99 -10.96
CA ALA A 135 -7.09 12.57 -11.52
C ALA A 135 -7.22 11.21 -12.19
N LEU A 136 -7.94 10.29 -11.56
CA LEU A 136 -8.19 8.95 -12.17
C LEU A 136 -8.98 9.14 -13.47
N ASP A 137 -10.00 10.01 -13.47
CA ASP A 137 -10.80 10.33 -14.67
C ASP A 137 -9.90 10.75 -15.86
N LYS A 138 -8.96 11.68 -15.68
CA LYS A 138 -8.07 12.17 -16.77
C LYS A 138 -7.03 11.10 -17.11
N GLU A 139 -6.55 10.34 -16.11
CA GLU A 139 -5.56 9.27 -16.40
C GLU A 139 -6.17 8.27 -17.39
N LEU A 140 -7.44 7.93 -17.21
CA LEU A 140 -8.14 6.85 -17.95
C LEU A 140 -8.88 7.42 -19.17
N LEU A 141 -8.77 8.73 -19.40
CA LEU A 141 -9.22 9.40 -20.65
C LEU A 141 -8.30 8.96 -21.79
N ASP A 142 -7.02 8.75 -21.49
CA ASP A 142 -5.94 8.54 -22.49
C ASP A 142 -5.64 7.05 -22.72
N LYS A 143 -6.14 6.15 -21.85
CA LYS A 143 -5.73 4.71 -21.83
C LYS A 143 -6.94 3.87 -21.44
N GLU A 144 -7.02 2.62 -21.91
CA GLU A 144 -8.17 1.72 -21.62
C GLU A 144 -7.98 1.12 -20.22
N HIS A 145 -6.75 0.69 -19.92
CA HIS A 145 -6.35 -0.06 -18.70
C HIS A 145 -5.55 0.84 -17.74
N TYR A 146 -5.72 0.62 -16.44
CA TYR A 146 -5.11 1.46 -15.38
C TYR A 146 -3.59 1.20 -15.32
N ALA A 147 -3.11 -0.03 -15.54
CA ALA A 147 -1.68 -0.42 -15.50
C ALA A 147 -1.27 -1.21 -16.77
N GLY A 148 -0.29 -0.67 -17.52
CA GLY A 148 0.29 -1.36 -18.69
C GLY A 148 -0.73 -1.57 -19.79
N SER A 149 -0.57 -2.68 -20.52
CA SER A 149 -1.18 -2.92 -21.85
C SER A 149 -2.57 -3.57 -21.76
N GLU A 150 -2.86 -4.35 -20.69
CA GLU A 150 -4.06 -5.21 -20.70
C GLU A 150 -4.70 -5.32 -19.31
N PHE A 151 -5.86 -5.97 -19.27
CA PHE A 151 -6.71 -6.10 -18.07
C PHE A 151 -5.89 -6.75 -16.95
N SER A 152 -5.89 -6.11 -15.78
CA SER A 152 -4.99 -6.49 -14.67
C SER A 152 -5.71 -6.45 -13.31
N VAL A 153 -5.08 -7.03 -12.31
CA VAL A 153 -5.61 -6.95 -10.91
C VAL A 153 -5.73 -5.47 -10.49
N ALA A 154 -4.98 -4.55 -11.10
CA ALA A 154 -5.07 -3.13 -10.73
C ALA A 154 -6.40 -2.59 -11.23
N ASP A 155 -6.86 -2.99 -12.42
CA ASP A 155 -8.20 -2.58 -12.90
C ASP A 155 -9.27 -3.20 -11.97
N ILE A 156 -9.10 -4.46 -11.60
CA ILE A 156 -10.09 -5.13 -10.71
C ILE A 156 -10.19 -4.33 -9.41
N TYR A 157 -9.07 -3.98 -8.82
CA TYR A 157 -9.02 -3.28 -7.50
C TYR A 157 -9.64 -1.89 -7.62
N LEU A 158 -9.28 -1.13 -8.67
CA LEU A 158 -9.83 0.22 -8.90
C LEU A 158 -11.33 0.10 -9.09
N PHE A 159 -11.76 -0.83 -9.97
CA PHE A 159 -13.20 -1.04 -10.27
C PHE A 159 -13.99 -1.21 -8.97
N VAL A 160 -13.48 -2.03 -8.04
CA VAL A 160 -14.21 -2.29 -6.76
C VAL A 160 -14.39 -0.98 -5.99
N MET A 161 -13.35 -0.19 -5.80
CA MET A 161 -13.41 1.09 -5.07
C MET A 161 -14.25 2.13 -5.82
N LEU A 162 -14.36 2.09 -7.16
CA LEU A 162 -15.24 3.03 -7.94
C LEU A 162 -16.71 2.69 -7.70
N GLY A 163 -17.01 1.51 -7.16
CA GLY A 163 -18.35 1.22 -6.61
C GLY A 163 -18.69 1.89 -5.30
N TRP A 164 -17.74 2.54 -4.60
CA TRP A 164 -17.98 3.11 -3.24
C TRP A 164 -18.56 4.53 -3.23
N PRO A 165 -18.10 5.47 -4.07
CA PRO A 165 -18.59 6.85 -3.99
C PRO A 165 -20.13 6.94 -4.01
N ALA A 166 -20.80 6.06 -4.76
CA ALA A 166 -22.28 6.15 -4.91
C ALA A 166 -22.95 5.91 -3.57
N HIS A 167 -22.28 5.23 -2.63
CA HIS A 167 -22.84 4.91 -1.30
C HIS A 167 -22.51 5.98 -0.27
N VAL A 168 -21.67 6.95 -0.59
CA VAL A 168 -21.30 8.04 0.36
C VAL A 168 -21.52 9.39 -0.31
N GLY A 169 -22.57 9.49 -1.14
CA GLY A 169 -23.17 10.77 -1.56
C GLY A 169 -22.38 11.47 -2.64
N ILE A 170 -21.63 10.75 -3.47
CA ILE A 170 -20.77 11.35 -4.53
C ILE A 170 -21.36 10.93 -5.88
N ASP A 171 -21.65 11.89 -6.75
CA ASP A 171 -22.30 11.61 -8.06
C ASP A 171 -21.21 11.27 -9.08
N MET A 172 -21.20 10.04 -9.60
CA MET A 172 -20.13 9.59 -10.50
C MET A 172 -20.35 10.10 -11.95
N SER A 173 -21.42 10.86 -12.21
CA SER A 173 -21.63 11.57 -13.50
C SER A 173 -20.47 12.53 -13.84
N ALA A 174 -19.89 13.20 -12.84
CA ALA A 174 -18.75 14.12 -13.05
C ALA A 174 -17.54 13.43 -13.67
N TYR A 175 -17.46 12.08 -13.69
CA TYR A 175 -16.23 11.35 -14.08
C TYR A 175 -16.55 10.36 -15.20
N PRO A 176 -16.86 10.84 -16.44
CA PRO A 176 -17.47 9.95 -17.44
C PRO A 176 -16.48 8.94 -17.99
N ASN A 177 -15.16 9.19 -17.92
CA ASN A 177 -14.14 8.20 -18.32
C ASN A 177 -14.15 7.06 -17.29
N LEU A 178 -14.37 7.36 -16.01
CA LEU A 178 -14.50 6.32 -14.94
C LEU A 178 -15.77 5.51 -15.20
N GLY A 179 -16.92 6.19 -15.45
CA GLY A 179 -18.20 5.60 -15.89
C GLY A 179 -18.01 4.55 -16.98
N ALA A 180 -17.40 4.92 -18.10
CA ALA A 180 -17.21 4.01 -19.25
C ALA A 180 -16.31 2.83 -18.85
N TYR A 181 -15.25 3.13 -18.11
CA TYR A 181 -14.26 2.15 -17.60
C TYR A 181 -15.02 1.09 -16.81
N CYS A 182 -15.94 1.51 -15.95
CA CYS A 182 -16.69 0.61 -15.02
C CYS A 182 -17.70 -0.16 -15.88
N GLY A 183 -18.38 0.58 -16.76
CA GLY A 183 -19.17 0.00 -17.88
C GLY A 183 -18.53 -1.18 -18.55
N ARG A 184 -17.33 -1.03 -19.11
CA ARG A 184 -16.63 -2.11 -19.83
C ARG A 184 -16.32 -3.25 -18.84
N ILE A 185 -15.81 -2.93 -17.65
CA ILE A 185 -15.34 -4.02 -16.75
C ILE A 185 -16.54 -4.85 -16.28
N ALA A 186 -17.65 -4.20 -15.97
CA ALA A 186 -18.86 -4.84 -15.42
C ALA A 186 -19.43 -5.88 -16.41
N GLN A 187 -19.09 -5.80 -17.70
CA GLN A 187 -19.60 -6.76 -18.72
C GLN A 187 -18.77 -8.03 -18.65
N ARG A 188 -17.64 -8.05 -17.96
CA ARG A 188 -16.82 -9.27 -17.88
C ARG A 188 -17.62 -10.30 -17.09
N PRO A 189 -17.72 -11.54 -17.59
CA PRO A 189 -18.42 -12.63 -16.91
C PRO A 189 -17.99 -12.85 -15.45
N SER A 190 -16.67 -12.86 -15.20
CA SER A 190 -16.08 -12.95 -13.83
C SER A 190 -16.71 -11.89 -12.93
N VAL A 191 -16.90 -10.69 -13.44
CA VAL A 191 -17.33 -9.54 -12.60
C VAL A 191 -18.80 -9.71 -12.23
N GLY A 192 -19.68 -9.97 -13.22
CA GLY A 192 -21.11 -10.22 -12.96
C GLY A 192 -21.32 -11.37 -11.99
N ALA A 193 -20.57 -12.47 -12.16
CA ALA A 193 -20.66 -13.67 -11.28
C ALA A 193 -20.27 -13.31 -9.83
N ALA A 194 -19.17 -12.56 -9.62
CA ALA A 194 -18.78 -12.12 -8.25
C ALA A 194 -19.84 -11.18 -7.68
N LEU A 195 -20.34 -10.24 -8.48
CA LEU A 195 -21.36 -9.28 -8.01
C LEU A 195 -22.58 -10.09 -7.56
N LYS A 196 -22.99 -11.11 -8.33
CA LYS A 196 -24.18 -11.94 -8.03
C LYS A 196 -23.90 -12.78 -6.79
N ALA A 197 -22.76 -13.49 -6.71
CA ALA A 197 -22.42 -14.34 -5.55
C ALA A 197 -22.40 -13.54 -4.23
N GLU A 198 -22.08 -12.25 -4.27
CA GLU A 198 -21.98 -11.41 -3.03
C GLU A 198 -23.33 -10.71 -2.76
N GLY A 199 -24.28 -10.82 -3.70
CA GLY A 199 -25.65 -10.28 -3.55
C GLY A 199 -25.69 -8.82 -3.90
N LEU A 200 -24.83 -8.35 -4.80
CA LEU A 200 -24.67 -6.90 -5.04
C LEU A 200 -25.50 -6.47 -6.27
N VAL A 201 -25.96 -7.43 -7.07
CA VAL A 201 -26.87 -7.24 -8.23
C VAL A 201 -27.91 -8.37 -8.14
N MET B 1 19.86 8.07 -12.62
CA MET B 1 18.81 7.67 -11.64
C MET B 1 18.77 8.68 -10.47
N LYS B 2 17.59 9.23 -10.17
CA LYS B 2 17.43 10.26 -9.11
C LYS B 2 16.31 9.82 -8.15
N LEU B 3 16.62 9.83 -6.88
CA LEU B 3 15.63 9.64 -5.77
C LEU B 3 15.28 11.03 -5.21
N PHE B 4 14.01 11.40 -5.34
CA PHE B 4 13.43 12.67 -4.80
C PHE B 4 12.99 12.43 -3.36
N ILE B 5 13.54 13.24 -2.46
CA ILE B 5 13.45 13.07 -0.99
C ILE B 5 13.00 14.38 -0.37
N SER B 6 12.48 14.26 0.83
CA SER B 6 12.46 15.33 1.86
C SER B 6 13.12 14.74 3.09
N PRO B 7 14.12 15.42 3.72
CA PRO B 7 14.86 14.82 4.83
C PRO B 7 14.02 14.25 5.98
N GLY B 8 14.26 12.99 6.35
CA GLY B 8 13.63 12.22 7.44
C GLY B 8 12.23 11.69 7.10
N ALA B 9 11.70 12.04 5.91
CA ALA B 9 10.34 11.61 5.48
C ALA B 9 10.42 10.14 5.09
N CYS B 10 9.32 9.55 4.61
CA CYS B 10 9.36 8.12 4.26
C CYS B 10 10.32 7.87 3.08
N SER B 11 10.73 8.89 2.34
CA SER B 11 11.78 8.78 1.28
C SER B 11 13.14 8.37 1.85
N LEU B 12 13.35 8.39 3.17
CA LEU B 12 14.62 7.93 3.80
C LEU B 12 14.74 6.42 3.55
N ALA B 13 13.64 5.67 3.48
CA ALA B 13 13.69 4.20 3.33
C ALA B 13 14.35 3.84 1.99
N PRO B 14 13.89 4.33 0.81
CA PRO B 14 14.59 3.98 -0.43
C PRO B 14 16.01 4.58 -0.44
N HIS B 15 16.20 5.74 0.21
CA HIS B 15 17.53 6.37 0.31
C HIS B 15 18.47 5.37 0.98
N ILE B 16 18.09 4.82 2.13
CA ILE B 16 18.85 3.75 2.84
C ILE B 16 19.01 2.50 1.96
N ALA B 17 17.98 2.05 1.25
CA ALA B 17 18.06 0.84 0.39
C ALA B 17 19.14 1.04 -0.70
N LEU B 18 19.18 2.21 -1.31
CA LEU B 18 20.10 2.56 -2.42
C LEU B 18 21.54 2.59 -1.86
N ARG B 19 21.74 2.99 -0.60
CA ARG B 19 23.10 2.99 -0.02
C ARG B 19 23.50 1.55 0.29
N GLU B 20 22.53 0.70 0.64
CA GLU B 20 22.74 -0.75 0.80
C GLU B 20 23.25 -1.36 -0.51
N THR B 21 22.60 -1.09 -1.62
CA THR B 21 22.94 -1.79 -2.87
C THR B 21 24.20 -1.18 -3.52
N GLY B 22 24.46 0.14 -3.37
CA GLY B 22 25.63 0.82 -3.98
C GLY B 22 25.30 1.25 -5.39
N ALA B 23 24.03 1.21 -5.78
CA ALA B 23 23.57 1.71 -7.09
C ALA B 23 24.01 3.18 -7.21
N ALA B 24 24.37 3.61 -8.40
CA ALA B 24 24.58 5.04 -8.71
C ALA B 24 23.23 5.74 -8.72
N PHE B 25 23.11 6.83 -7.97
CA PHE B 25 21.90 7.68 -7.96
C PHE B 25 22.24 9.06 -7.39
N ASP B 26 21.47 10.07 -7.79
CA ASP B 26 21.42 11.42 -7.14
C ASP B 26 20.26 11.43 -6.12
N ALA B 27 20.52 11.85 -4.88
CA ALA B 27 19.46 12.21 -3.88
C ALA B 27 19.07 13.66 -4.13
N VAL B 28 17.81 13.95 -4.46
CA VAL B 28 17.39 15.31 -4.91
C VAL B 28 16.31 15.84 -3.96
N LYS B 29 16.60 16.90 -3.19
CA LYS B 29 15.68 17.46 -2.16
C LYS B 29 14.47 18.12 -2.82
N VAL B 30 13.29 17.96 -2.20
CA VAL B 30 12.03 18.61 -2.67
C VAL B 30 11.48 19.40 -1.49
N ASP B 31 11.05 20.64 -1.76
CA ASP B 31 10.29 21.46 -0.78
C ASP B 31 8.84 21.07 -0.99
N LEU B 32 8.28 20.31 -0.05
CA LEU B 32 6.96 19.64 -0.25
C LEU B 32 5.85 20.70 -0.23
N ALA B 33 6.04 21.85 0.41
CA ALA B 33 5.05 22.94 0.52
C ALA B 33 4.85 23.59 -0.83
N THR B 34 5.95 23.87 -1.54
CA THR B 34 5.97 24.65 -2.79
C THR B 34 6.08 23.68 -3.97
N ARG B 35 6.21 22.37 -3.72
CA ARG B 35 6.31 21.34 -4.80
C ARG B 35 7.46 21.77 -5.74
N LYS B 36 8.56 22.25 -5.17
CA LYS B 36 9.71 22.80 -5.92
C LYS B 36 10.94 21.93 -5.61
N VAL B 37 11.62 21.44 -6.63
CA VAL B 37 12.87 20.66 -6.43
C VAL B 37 13.97 21.64 -6.00
N GLU B 38 15.00 21.20 -5.25
CA GLU B 38 16.10 22.12 -4.85
C GLU B 38 16.74 22.76 -6.10
N THR B 39 16.54 22.19 -7.28
CA THR B 39 17.08 22.74 -8.56
C THR B 39 16.22 23.91 -9.04
N GLY B 40 14.97 24.03 -8.58
CA GLY B 40 14.00 25.08 -9.01
C GLY B 40 12.93 24.53 -9.92
N ASP B 41 13.11 23.30 -10.40
CA ASP B 41 12.15 22.54 -11.25
C ASP B 41 10.82 22.39 -10.50
N ASP B 42 9.72 22.28 -11.24
CA ASP B 42 8.35 21.95 -10.76
C ASP B 42 8.29 20.45 -10.43
N PHE B 43 8.18 20.08 -9.15
CA PHE B 43 8.15 18.65 -8.74
C PHE B 43 6.92 17.96 -9.33
N LEU B 44 5.85 18.69 -9.65
CA LEU B 44 4.61 18.07 -10.15
C LEU B 44 4.84 17.50 -11.56
N THR B 45 5.93 17.89 -12.25
CA THR B 45 6.29 17.31 -13.58
C THR B 45 6.99 15.96 -13.37
N VAL B 46 7.39 15.63 -12.14
CA VAL B 46 8.03 14.34 -11.81
C VAL B 46 7.01 13.42 -11.13
N ASN B 47 6.28 13.91 -10.13
CA ASN B 47 5.22 13.12 -9.45
C ASN B 47 4.01 14.03 -9.36
N PRO B 48 2.93 13.82 -10.16
CA PRO B 48 1.76 14.71 -10.14
C PRO B 48 1.05 14.87 -8.80
N SER B 49 1.17 13.91 -7.87
CA SER B 49 0.63 14.02 -6.48
C SER B 49 1.52 14.94 -5.64
N GLY B 50 2.77 15.14 -6.03
CA GLY B 50 3.69 16.03 -5.30
C GLY B 50 4.29 15.36 -4.09
N LYS B 51 4.21 14.03 -3.95
CA LYS B 51 4.76 13.33 -2.76
C LYS B 51 6.12 12.70 -3.08
N VAL B 52 6.89 12.52 -2.02
CA VAL B 52 8.15 11.72 -2.06
C VAL B 52 7.87 10.41 -1.34
N PRO B 53 8.58 9.31 -1.65
CA PRO B 53 9.62 9.28 -2.68
C PRO B 53 9.11 9.20 -4.14
N ALA B 54 9.96 9.62 -5.09
CA ALA B 54 9.84 9.31 -6.53
C ALA B 54 11.24 8.94 -7.00
N LEU B 55 11.34 7.92 -7.85
CA LEU B 55 12.60 7.34 -8.35
C LEU B 55 12.56 7.42 -9.87
N THR B 56 13.38 8.32 -10.44
CA THR B 56 13.50 8.46 -11.91
C THR B 56 14.60 7.49 -12.35
N LEU B 57 14.25 6.55 -13.22
CA LEU B 57 15.21 5.51 -13.68
C LEU B 57 16.09 6.13 -14.79
N ASP B 58 17.21 5.47 -15.08
CA ASP B 58 18.09 5.76 -16.25
C ASP B 58 17.27 5.67 -17.54
N SER B 59 16.45 4.63 -17.69
CA SER B 59 15.55 4.47 -18.87
C SER B 59 14.68 5.71 -18.99
N GLY B 60 14.64 6.55 -17.95
CA GLY B 60 13.94 7.85 -17.94
C GLY B 60 12.56 7.82 -17.30
N GLU B 61 12.03 6.64 -16.92
CA GLU B 61 10.67 6.54 -16.32
C GLU B 61 10.76 6.87 -14.83
N THR B 62 9.63 7.29 -14.24
CA THR B 62 9.52 7.58 -12.78
C THR B 62 8.62 6.53 -12.10
N LEU B 63 9.11 5.87 -11.06
CA LEU B 63 8.33 4.99 -10.13
C LEU B 63 7.95 5.82 -8.92
N THR B 64 6.70 5.70 -8.49
CA THR B 64 6.24 6.19 -7.19
C THR B 64 5.78 5.01 -6.31
N GLU B 65 5.52 5.34 -5.02
CA GLU B 65 4.98 4.40 -3.99
C GLU B 65 6.14 3.60 -3.44
N ASN B 66 6.40 3.76 -2.15
CA ASN B 66 7.50 3.08 -1.45
C ASN B 66 7.56 1.59 -1.79
N PRO B 67 6.46 0.80 -1.63
CA PRO B 67 6.55 -0.64 -1.85
C PRO B 67 7.16 -0.97 -3.24
N ALA B 68 6.81 -0.20 -4.24
CA ALA B 68 7.27 -0.45 -5.63
C ALA B 68 8.74 -0.04 -5.76
N ILE B 69 9.05 1.15 -5.26
CA ILE B 69 10.41 1.74 -5.36
C ILE B 69 11.37 0.81 -4.62
N LEU B 70 10.99 0.36 -3.43
CA LEU B 70 11.82 -0.49 -2.56
C LEU B 70 12.07 -1.85 -3.20
N LEU B 71 11.07 -2.44 -3.83
CA LEU B 71 11.30 -3.76 -4.52
C LEU B 71 12.21 -3.59 -5.74
N TYR B 72 11.99 -2.56 -6.54
CA TYR B 72 12.86 -2.18 -7.68
C TYR B 72 14.33 -2.08 -7.22
N ILE B 73 14.58 -1.32 -6.15
CA ILE B 73 15.95 -1.11 -5.59
C ILE B 73 16.57 -2.47 -5.21
N ALA B 74 15.84 -3.29 -4.44
CA ALA B 74 16.28 -4.63 -4.00
C ALA B 74 16.65 -5.48 -5.24
N ASP B 75 15.80 -5.46 -6.27
CA ASP B 75 15.91 -6.40 -7.42
C ASP B 75 16.94 -5.90 -8.45
N GLN B 76 17.41 -4.63 -8.36
CA GLN B 76 18.50 -4.12 -9.23
C GLN B 76 19.76 -4.90 -8.91
N LYS B 77 19.86 -5.34 -7.65
CA LYS B 77 21.01 -6.11 -7.13
C LYS B 77 20.48 -7.34 -6.40
N PRO B 78 19.96 -8.35 -7.15
CA PRO B 78 19.39 -9.55 -6.53
C PRO B 78 20.37 -10.10 -5.50
N ASP B 79 21.67 -9.99 -5.83
CA ASP B 79 22.86 -10.32 -5.00
C ASP B 79 22.64 -10.00 -3.50
N ALA B 80 22.11 -8.81 -3.17
CA ALA B 80 22.13 -8.22 -1.80
C ALA B 80 21.07 -8.84 -0.88
N ALA B 81 20.11 -9.58 -1.44
CA ALA B 81 19.11 -10.34 -0.67
C ALA B 81 18.24 -9.40 0.19
N LEU B 82 17.88 -8.22 -0.31
CA LEU B 82 17.04 -7.24 0.43
C LEU B 82 15.56 -7.56 0.19
N ALA B 83 15.29 -8.42 -0.80
CA ALA B 83 13.95 -8.99 -1.09
C ALA B 83 14.16 -10.40 -1.64
N PRO B 84 13.32 -11.38 -1.25
CA PRO B 84 13.32 -12.69 -1.90
C PRO B 84 13.05 -12.61 -3.42
N ARG B 85 13.44 -13.67 -4.13
CA ARG B 85 13.22 -13.80 -5.58
C ARG B 85 11.71 -13.76 -5.83
N ASP B 86 11.31 -13.08 -6.91
CA ASP B 86 9.89 -12.85 -7.29
C ASP B 86 9.24 -14.24 -7.53
N GLY B 87 7.99 -14.43 -7.13
CA GLY B 87 7.27 -15.67 -7.40
C GLY B 87 7.39 -16.69 -6.30
N THR B 88 8.12 -16.40 -5.21
CA THR B 88 8.24 -17.30 -4.05
C THR B 88 7.20 -16.85 -3.03
N LEU B 89 6.74 -17.77 -2.17
CA LEU B 89 5.85 -17.46 -1.03
C LEU B 89 6.51 -16.33 -0.24
N GLU B 90 7.83 -16.40 -0.08
CA GLU B 90 8.59 -15.38 0.69
C GLU B 90 8.31 -14.00 0.09
N ARG B 91 8.29 -13.88 -1.23
CA ARG B 91 8.07 -12.60 -1.96
C ARG B 91 6.69 -12.04 -1.59
N TYR B 92 5.63 -12.85 -1.68
CA TYR B 92 4.24 -12.39 -1.34
C TYR B 92 4.10 -12.01 0.14
N ARG B 93 4.77 -12.69 1.07
CA ARG B 93 4.80 -12.32 2.52
C ARG B 93 5.49 -10.97 2.68
N LEU B 94 6.53 -10.70 1.88
CA LEU B 94 7.27 -9.40 1.96
C LEU B 94 6.34 -8.30 1.43
N ILE B 95 5.65 -8.58 0.32
CA ILE B 95 4.72 -7.58 -0.30
C ILE B 95 3.57 -7.31 0.68
N SER B 96 3.09 -8.33 1.40
CA SER B 96 2.06 -8.18 2.45
C SER B 96 2.58 -7.24 3.55
N ARG B 97 3.79 -7.49 4.06
CA ARG B 97 4.41 -6.59 5.08
C ARG B 97 4.57 -5.15 4.58
N LEU B 98 5.08 -4.92 3.37
CA LEU B 98 5.24 -3.58 2.77
C LEU B 98 3.88 -2.90 2.61
N SER B 99 2.84 -3.65 2.23
CA SER B 99 1.45 -3.11 2.05
C SER B 99 0.94 -2.70 3.45
N PHE B 100 1.12 -3.54 4.45
CA PHE B 100 0.66 -3.23 5.82
C PHE B 100 1.34 -1.95 6.33
N LEU B 101 2.63 -1.85 6.11
CA LEU B 101 3.39 -0.65 6.56
C LEU B 101 2.92 0.59 5.80
N GLY B 102 2.74 0.52 4.48
CA GLY B 102 2.33 1.63 3.63
C GLY B 102 0.87 2.05 3.87
N SER B 103 -0.05 1.10 4.00
CA SER B 103 -1.52 1.36 4.02
C SER B 103 -2.04 1.53 5.45
N GLU B 104 -1.38 0.96 6.47
CA GLU B 104 -1.99 0.96 7.82
C GLU B 104 -1.08 1.82 8.72
N PHE B 105 0.18 1.42 8.86
CA PHE B 105 1.07 2.08 9.86
C PHE B 105 1.36 3.51 9.41
N HIS B 106 1.82 3.72 8.17
CA HIS B 106 2.21 5.06 7.64
C HIS B 106 1.00 5.98 7.80
N LYS B 107 -0.17 5.48 7.43
CA LYS B 107 -1.42 6.28 7.39
C LYS B 107 -1.85 6.73 8.79
N ALA B 108 -1.55 5.97 9.85
CA ALA B 108 -1.85 6.36 11.24
C ALA B 108 -1.19 7.69 11.60
N PHE B 109 0.01 7.94 11.08
CA PHE B 109 0.83 9.12 11.41
C PHE B 109 0.37 10.37 10.66
N VAL B 110 -0.40 10.23 9.61
CA VAL B 110 -0.64 11.35 8.66
C VAL B 110 -1.14 12.60 9.41
N PRO B 111 -2.15 12.53 10.31
CA PRO B 111 -2.69 13.73 10.96
C PRO B 111 -1.68 14.37 11.91
N LEU B 112 -0.70 13.62 12.39
CA LEU B 112 0.34 14.15 13.30
C LEU B 112 1.35 14.99 12.49
N PHE B 113 1.52 14.70 11.21
CA PHE B 113 2.48 15.44 10.37
C PHE B 113 1.74 16.35 9.39
N THR B 114 0.41 16.40 9.38
CA THR B 114 -0.34 17.36 8.52
C THR B 114 -0.30 18.72 9.19
N PRO B 115 0.27 19.74 8.50
CA PRO B 115 0.38 21.10 9.05
C PRO B 115 -0.96 21.60 9.63
N GLY B 116 -2.06 21.41 8.93
CA GLY B 116 -3.36 21.95 9.38
C GLY B 116 -3.89 21.47 10.76
N SER B 117 -3.59 20.25 11.21
CA SER B 117 -4.62 19.34 11.79
C SER B 117 -5.04 19.79 13.20
N SER B 118 -6.28 19.50 13.59
CA SER B 118 -6.79 19.84 14.94
C SER B 118 -6.05 19.04 16.02
N ASP B 119 -6.15 19.52 17.26
CA ASP B 119 -5.74 18.80 18.50
C ASP B 119 -6.48 17.46 18.56
N GLU B 120 -7.78 17.46 18.27
CA GLU B 120 -8.63 16.22 18.24
C GLU B 120 -8.02 15.18 17.30
N ALA B 121 -7.82 15.53 16.02
CA ALA B 121 -7.25 14.64 14.96
C ALA B 121 -5.86 14.13 15.39
N LYS B 122 -5.04 14.99 15.98
CA LYS B 122 -3.68 14.62 16.49
C LYS B 122 -3.83 13.59 17.62
N LEU B 123 -4.75 13.81 18.55
CA LEU B 123 -4.94 12.83 19.68
C LEU B 123 -5.39 11.48 19.11
N ALA B 124 -6.28 11.46 18.14
CA ALA B 124 -6.82 10.20 17.59
C ALA B 124 -5.67 9.45 16.89
N ALA B 125 -4.88 10.21 16.12
CA ALA B 125 -3.73 9.68 15.34
C ALA B 125 -2.72 9.13 16.35
N SER B 126 -2.49 9.82 17.47
CA SER B 126 -1.49 9.38 18.48
C SER B 126 -1.93 8.02 19.04
N THR B 127 -3.23 7.88 19.32
CA THR B 127 -3.83 6.64 19.85
C THR B 127 -3.64 5.50 18.86
N ALA B 128 -3.88 5.72 17.55
CA ALA B 128 -3.76 4.71 16.47
C ALA B 128 -2.29 4.31 16.34
N VAL B 129 -1.38 5.28 16.38
CA VAL B 129 0.08 4.96 16.32
C VAL B 129 0.46 4.06 17.51
N LYS B 130 0.09 4.46 18.71
CA LYS B 130 0.48 3.69 19.93
C LYS B 130 -0.12 2.27 19.87
N ASN B 131 -1.34 2.12 19.38
CA ASN B 131 -1.93 0.76 19.16
C ASN B 131 -1.06 -0.06 18.20
N HIS B 132 -0.60 0.50 17.07
CA HIS B 132 0.30 -0.16 16.11
C HIS B 132 1.65 -0.51 16.77
N LEU B 133 2.23 0.42 17.53
CA LEU B 133 3.55 0.26 18.21
C LEU B 133 3.46 -0.90 19.22
N GLY B 134 2.35 -1.04 19.95
CA GLY B 134 2.14 -2.14 20.92
C GLY B 134 2.11 -3.48 20.22
N ALA B 135 1.47 -3.53 19.06
CA ALA B 135 1.35 -4.75 18.25
C ALA B 135 2.73 -5.10 17.68
N LEU B 136 3.46 -4.12 17.14
CA LEU B 136 4.78 -4.35 16.48
C LEU B 136 5.80 -4.80 17.55
N ASP B 137 5.68 -4.21 18.73
CA ASP B 137 6.55 -4.48 19.91
C ASP B 137 6.37 -5.96 20.29
N LYS B 138 5.16 -6.49 20.32
CA LYS B 138 4.89 -7.91 20.69
C LYS B 138 5.37 -8.80 19.55
N GLU B 139 5.18 -8.42 18.28
CA GLU B 139 5.62 -9.21 17.14
C GLU B 139 7.15 -9.36 17.13
N LEU B 140 7.88 -8.35 17.55
CA LEU B 140 9.37 -8.32 17.36
C LEU B 140 10.11 -8.81 18.62
N LEU B 141 9.38 -9.23 19.65
CA LEU B 141 9.97 -9.91 20.83
C LEU B 141 10.90 -11.01 20.32
N ASP B 142 10.35 -12.09 19.77
CA ASP B 142 11.14 -13.32 19.45
C ASP B 142 11.41 -13.38 17.95
N LYS B 143 11.57 -12.22 17.30
CA LYS B 143 12.11 -12.04 15.94
C LYS B 143 13.31 -11.09 16.01
N GLU B 144 14.19 -11.12 15.01
CA GLU B 144 15.25 -10.10 14.76
C GLU B 144 14.91 -9.30 13.49
N HIS B 145 14.11 -9.87 12.60
CA HIS B 145 13.77 -9.28 11.28
C HIS B 145 12.24 -9.26 11.13
N TYR B 146 11.75 -8.27 10.39
CA TYR B 146 10.30 -8.05 10.22
C TYR B 146 9.75 -9.08 9.22
N ALA B 147 10.48 -9.37 8.16
CA ALA B 147 10.03 -10.24 7.05
C ALA B 147 11.07 -11.34 6.82
N GLY B 148 10.71 -12.60 6.96
CA GLY B 148 11.62 -13.71 6.65
C GLY B 148 12.81 -13.73 7.60
N SER B 149 13.95 -14.28 7.19
CA SER B 149 15.06 -14.62 8.11
C SER B 149 16.23 -13.68 7.83
N GLU B 150 16.01 -12.65 7.00
CA GLU B 150 17.10 -11.81 6.48
C GLU B 150 16.69 -10.33 6.53
N PHE B 151 17.65 -9.44 6.73
CA PHE B 151 17.45 -7.99 6.58
C PHE B 151 16.82 -7.73 5.21
N SER B 152 15.63 -7.11 5.19
CA SER B 152 14.90 -6.78 3.94
C SER B 152 14.61 -5.28 3.84
N VAL B 153 14.09 -4.88 2.68
CA VAL B 153 13.49 -3.53 2.49
C VAL B 153 12.32 -3.29 3.47
N ALA B 154 11.64 -4.34 3.99
CA ALA B 154 10.55 -4.16 4.98
C ALA B 154 11.18 -3.72 6.31
N ASP B 155 12.36 -4.27 6.64
CA ASP B 155 13.10 -3.80 7.84
C ASP B 155 13.48 -2.32 7.69
N ILE B 156 13.97 -1.92 6.53
CA ILE B 156 14.38 -0.51 6.28
C ILE B 156 13.13 0.39 6.43
N TYR B 157 12.06 0.01 5.77
CA TYR B 157 10.79 0.78 5.80
C TYR B 157 10.24 0.93 7.24
N LEU B 158 10.11 -0.15 8.00
CA LEU B 158 9.64 -0.09 9.40
C LEU B 158 10.58 0.79 10.22
N PHE B 159 11.89 0.57 10.06
CA PHE B 159 12.93 1.32 10.80
C PHE B 159 12.71 2.81 10.67
N VAL B 160 12.54 3.28 9.43
CA VAL B 160 12.31 4.73 9.19
C VAL B 160 11.05 5.18 9.92
N MET B 161 9.95 4.45 9.82
CA MET B 161 8.70 4.90 10.48
C MET B 161 8.87 4.87 11.98
N LEU B 162 9.71 3.98 12.51
CA LEU B 162 9.90 3.91 13.97
C LEU B 162 10.66 5.13 14.50
N GLY B 163 11.35 5.89 13.65
CA GLY B 163 12.01 7.16 14.03
C GLY B 163 11.02 8.33 14.16
N TRP B 164 9.76 8.18 13.77
CA TRP B 164 8.76 9.27 13.79
C TRP B 164 8.10 9.50 15.15
N PRO B 165 7.74 8.46 15.97
CA PRO B 165 6.98 8.72 17.20
C PRO B 165 7.63 9.75 18.16
N ALA B 166 8.94 9.72 18.28
CA ALA B 166 9.66 10.63 19.20
C ALA B 166 9.48 12.07 18.71
N HIS B 167 9.26 12.29 17.41
CA HIS B 167 9.04 13.64 16.84
C HIS B 167 7.60 14.12 17.06
N VAL B 168 6.68 13.30 17.56
CA VAL B 168 5.25 13.71 17.69
C VAL B 168 4.72 13.36 19.07
N GLY B 169 5.57 13.40 20.09
CA GLY B 169 5.17 13.37 21.51
C GLY B 169 5.00 11.97 22.10
N ILE B 170 5.39 10.92 21.38
CA ILE B 170 5.17 9.52 21.84
C ILE B 170 6.46 9.00 22.48
N ASP B 171 6.35 8.42 23.67
CA ASP B 171 7.50 7.90 24.47
C ASP B 171 7.83 6.46 24.04
N MET B 172 8.92 6.25 23.32
CA MET B 172 9.25 4.93 22.72
C MET B 172 9.86 3.98 23.78
N SER B 173 10.11 4.43 25.00
CA SER B 173 10.63 3.58 26.10
C SER B 173 9.56 2.54 26.49
N ALA B 174 8.30 2.75 26.15
CA ALA B 174 7.23 1.76 26.40
C ALA B 174 7.34 0.58 25.41
N TYR B 175 8.19 0.63 24.39
CA TYR B 175 8.33 -0.40 23.33
C TYR B 175 9.76 -0.90 23.27
N PRO B 176 10.23 -1.65 24.31
CA PRO B 176 11.62 -2.08 24.38
C PRO B 176 12.12 -2.99 23.25
N ASN B 177 11.25 -3.88 22.74
CA ASN B 177 11.61 -4.72 21.59
C ASN B 177 11.84 -3.87 20.34
N LEU B 178 11.02 -2.85 20.11
CA LEU B 178 11.25 -1.91 18.97
C LEU B 178 12.58 -1.16 19.21
N GLY B 179 12.83 -0.75 20.45
CA GLY B 179 14.08 -0.08 20.88
C GLY B 179 15.28 -0.91 20.48
N ALA B 180 15.30 -2.20 20.82
CA ALA B 180 16.42 -3.12 20.46
C ALA B 180 16.52 -3.28 18.93
N TYR B 181 15.39 -3.47 18.24
CA TYR B 181 15.32 -3.67 16.77
C TYR B 181 15.99 -2.46 16.09
N CYS B 182 15.62 -1.23 16.51
CA CYS B 182 16.11 0.03 15.91
C CYS B 182 17.62 0.18 16.20
N GLY B 183 18.00 -0.08 17.46
CA GLY B 183 19.40 -0.15 17.94
C GLY B 183 20.27 -0.96 17.01
N ARG B 184 19.86 -2.18 16.67
CA ARG B 184 20.63 -3.08 15.78
C ARG B 184 20.72 -2.44 14.39
N ILE B 185 19.60 -1.97 13.83
CA ILE B 185 19.54 -1.50 12.42
C ILE B 185 20.33 -0.19 12.27
N ALA B 186 20.33 0.63 13.29
CA ALA B 186 21.03 1.95 13.29
C ALA B 186 22.55 1.77 13.10
N GLN B 187 23.12 0.57 13.27
CA GLN B 187 24.61 0.38 13.17
C GLN B 187 24.98 0.08 11.72
N ARG B 188 24.02 -0.29 10.87
CA ARG B 188 24.31 -0.52 9.43
C ARG B 188 24.80 0.77 8.80
N PRO B 189 25.91 0.71 8.03
CA PRO B 189 26.51 1.91 7.47
C PRO B 189 25.62 2.65 6.47
N SER B 190 24.79 1.93 5.70
CA SER B 190 23.76 2.52 4.80
C SER B 190 22.97 3.63 5.52
N VAL B 191 22.66 3.41 6.80
CA VAL B 191 21.75 4.28 7.61
C VAL B 191 22.47 5.60 7.91
N GLY B 192 23.71 5.52 8.45
CA GLY B 192 24.60 6.68 8.67
C GLY B 192 24.77 7.47 7.39
N ALA B 193 25.13 6.79 6.31
CA ALA B 193 25.39 7.43 5.02
C ALA B 193 24.14 8.24 4.61
N ALA B 194 22.95 7.64 4.72
CA ALA B 194 21.70 8.26 4.19
C ALA B 194 21.41 9.51 5.02
N LEU B 195 21.43 9.35 6.32
CA LEU B 195 21.18 10.44 7.29
C LEU B 195 22.14 11.61 7.02
N LYS B 196 23.43 11.32 6.84
CA LYS B 196 24.48 12.35 6.62
C LYS B 196 24.17 13.05 5.29
N ALA B 197 23.81 12.29 4.26
CA ALA B 197 23.52 12.86 2.92
C ALA B 197 22.29 13.77 3.02
N GLU B 198 21.35 13.49 3.93
CA GLU B 198 20.07 14.27 4.05
C GLU B 198 20.26 15.39 5.08
N GLY B 199 21.42 15.41 5.75
CA GLY B 199 21.84 16.47 6.69
C GLY B 199 21.09 16.40 7.99
N LEU B 200 20.89 15.20 8.55
CA LEU B 200 20.04 14.94 9.74
C LEU B 200 20.87 14.60 10.98
N VAL B 201 22.19 14.53 10.86
CA VAL B 201 23.06 14.03 11.97
C VAL B 201 23.94 15.19 12.45
N1 GSH C . -4.69 -2.65 3.92
CA1 GSH C . -5.71 -3.71 3.86
C1 GSH C . -5.69 -4.37 2.47
O11 GSH C . -5.26 -3.68 1.55
O12 GSH C . -6.13 -5.57 2.39
CB1 GSH C . -7.07 -3.08 4.16
CG1 GSH C . -8.17 -4.06 4.46
CD1 GSH C . -9.41 -3.33 4.95
OE1 GSH C . -9.36 -2.18 5.43
N2 GSH C . -10.54 -4.00 4.88
CA2 GSH C . -11.84 -3.54 5.35
C2 GSH C . -12.22 -4.19 6.67
O2 GSH C . -12.11 -5.42 6.81
CB2 GSH C . -12.93 -3.79 4.31
SG2 GSH C . -12.82 -2.68 2.87
N3 GSH C . -12.57 -3.37 7.64
CA3 GSH C . -13.00 -3.84 8.94
C3 GSH C . -12.21 -3.21 10.08
O31 GSH C . -11.20 -2.55 9.80
O32 GSH C . -12.63 -3.41 11.24
N CYS D . -21.33 3.22 -11.09
CA CYS D . -20.20 3.65 -11.97
C CYS D . -20.39 3.05 -13.38
O CYS D . -20.77 1.86 -13.46
CB CYS D . -18.87 3.23 -11.35
SG CYS D . -17.39 3.75 -12.26
S SO4 E . -8.22 -9.79 -21.38
O1 SO4 E . -9.42 -9.00 -21.47
O2 SO4 E . -8.34 -10.90 -22.27
O3 SO4 E . -8.01 -10.25 -20.03
O4 SO4 E . -7.12 -8.95 -21.76
OH2 1PE F . -27.66 2.99 -3.20
C12 1PE F . -26.92 3.80 -4.11
C22 1PE F . -25.89 3.03 -4.94
OH3 1PE F . -26.28 1.70 -5.23
C13 1PE F . -25.36 -0.63 -5.83
C23 1PE F . -25.18 0.91 -5.82
OH4 1PE F . -24.66 -1.45 -4.84
C14 1PE F . -22.67 -2.38 -3.65
C24 1PE F . -23.24 -1.76 -4.96
OH5 1PE F . -21.22 -2.25 -3.44
C15 1PE F . -19.00 -2.23 -4.57
C25 1PE F . -20.48 -2.48 -4.63
OH6 1PE F . -18.48 -2.52 -5.88
C16 1PE F . -18.36 -2.06 -8.26
C26 1PE F . -19.22 -2.14 -7.04
OH7 1PE F . -19.13 -1.45 -9.35
N1 GSH G . 1.74 6.01 -0.38
CA1 GSH G . 2.94 6.84 -0.63
C1 GSH G . 4.21 5.95 -0.63
O11 GSH G . 5.18 6.31 -1.37
O12 GSH G . 4.19 4.91 0.06
CB1 GSH G . 2.92 7.97 0.42
CG1 GSH G . 4.13 8.89 0.37
CD1 GSH G . 3.93 10.03 1.33
OE1 GSH G . 2.87 10.21 1.94
N2 GSH G . 4.97 10.86 1.43
CA2 GSH G . 5.00 12.06 2.25
C2 GSH G . 4.82 13.32 1.42
O2 GSH G . 5.43 13.50 0.36
CB2 GSH G . 6.28 12.09 3.07
SG2 GSH G . 6.32 10.79 4.32
N3 GSH G . 3.97 14.21 1.88
CA3 GSH G . 3.77 15.49 1.24
C3 GSH G . 2.32 15.65 0.78
O31 GSH G . 2.02 16.72 0.23
O32 GSH G . 1.54 14.69 1.00
N CYS H . 14.59 5.88 18.18
CA CYS H . 14.02 4.58 18.64
C CYS H . 15.17 3.64 19.05
O CYS H . 16.37 3.96 18.92
CB CYS H . 13.11 3.98 17.55
SG CYS H . 12.86 2.18 17.62
S SO4 I . 14.51 -13.70 12.93
O1 SO4 I . 13.64 -12.58 12.64
O2 SO4 I . 15.47 -13.83 11.87
O3 SO4 I . 15.19 -13.49 14.18
O4 SO4 I . 13.73 -14.89 13.05
#